data_2CZE
#
_entry.id   2CZE
#
_cell.length_a   37.029
_cell.length_b   85.512
_cell.length_c   63.935
_cell.angle_alpha   90.00
_cell.angle_beta   105.71
_cell.angle_gamma   90.00
#
_symmetry.space_group_name_H-M   'P 1 21 1'
#
loop_
_entity.id
_entity.type
_entity.pdbx_description
1 polymer "Orotidine 5'-phosphate decarboxylase"
2 non-polymer "URIDINE-5'-MONOPHOSPHATE"
3 non-polymer 'CITRIC ACID'
4 non-polymer GLYCEROL
5 water water
#
_entity_poly.entity_id   1
_entity_poly.type   'polypeptide(L)'
_entity_poly.pdbx_seq_one_letter_code
;MIVLALDVYEGERAIKIAKSVKDYISMIKVNWPLILGSGVDIIRRLKEETGVEIIADLKLADIPNTNRLIARKVFGAGAD
YVIVHTFVGRDSVMAVKELGEIIMVVEMSHPGALEFINPLTDRFIEVANEIEPFGVIAPGTRPERIGYIRDRLKEGIKIL
APGIGAQGGKAKDAVKAGADYIIVGRAIYNAPNPREAAKAIYDEIRGV
;
_entity_poly.pdbx_strand_id   A,B
#
# COMPACT_ATOMS: atom_id res chain seq x y z
N MET A 1 -12.21 20.65 -10.99
CA MET A 1 -11.76 20.17 -9.64
C MET A 1 -12.00 18.70 -9.41
N ILE A 2 -12.85 18.08 -10.24
CA ILE A 2 -13.17 16.67 -10.03
C ILE A 2 -12.09 15.69 -10.48
N VAL A 3 -11.81 14.73 -9.62
CA VAL A 3 -10.83 13.70 -9.91
C VAL A 3 -11.63 12.41 -9.87
N LEU A 4 -11.71 11.73 -11.01
CA LEU A 4 -12.47 10.49 -11.13
C LEU A 4 -11.67 9.30 -10.60
N ALA A 5 -12.19 8.63 -9.58
CA ALA A 5 -11.49 7.48 -9.02
C ALA A 5 -12.05 6.25 -9.71
N LEU A 6 -11.32 5.72 -10.67
CA LEU A 6 -11.78 4.56 -11.44
C LEU A 6 -11.44 3.25 -10.76
N ASP A 7 -12.25 2.86 -9.80
CA ASP A 7 -11.99 1.62 -9.09
C ASP A 7 -12.79 0.42 -9.57
N VAL A 8 -12.70 0.15 -10.87
CA VAL A 8 -13.35 -1.01 -11.45
C VAL A 8 -12.19 -1.90 -11.86
N TYR A 9 -12.42 -3.19 -12.01
CA TYR A 9 -11.34 -4.08 -12.39
C TYR A 9 -11.04 -4.06 -13.90
N GLU A 10 -12.09 -3.89 -14.70
CA GLU A 10 -12.00 -3.94 -16.16
C GLU A 10 -11.49 -2.68 -16.86
N GLY A 11 -10.37 -2.82 -17.54
CA GLY A 11 -9.76 -1.70 -18.23
C GLY A 11 -10.60 -1.02 -19.29
N GLU A 12 -11.27 -1.80 -20.15
CA GLU A 12 -12.08 -1.19 -21.19
C GLU A 12 -13.32 -0.52 -20.59
N ARG A 13 -13.79 -1.07 -19.47
CA ARG A 13 -14.93 -0.50 -18.79
C ARG A 13 -14.52 0.87 -18.22
N ALA A 14 -13.33 0.90 -17.64
CA ALA A 14 -12.78 2.14 -17.07
C ALA A 14 -12.62 3.19 -18.18
N ILE A 15 -12.07 2.78 -19.32
CA ILE A 15 -11.88 3.72 -20.42
C ILE A 15 -13.20 4.27 -20.90
N LYS A 16 -14.21 3.40 -21.02
CA LYS A 16 -15.53 3.83 -21.45
C LYS A 16 -16.12 4.88 -20.49
N ILE A 17 -16.06 4.59 -19.20
CA ILE A 17 -16.57 5.52 -18.20
C ILE A 17 -15.82 6.85 -18.22
N ALA A 18 -14.49 6.79 -18.31
CA ALA A 18 -13.67 8.00 -18.34
C ALA A 18 -14.00 8.87 -19.54
N LYS A 19 -14.13 8.26 -20.71
CA LYS A 19 -14.47 9.03 -21.91
C LYS A 19 -15.81 9.73 -21.80
N SER A 20 -16.78 9.07 -21.19
CA SER A 20 -18.10 9.65 -21.05
C SER A 20 -18.15 10.85 -20.08
N VAL A 21 -17.23 10.91 -19.12
CA VAL A 21 -17.27 12.02 -18.17
C VAL A 21 -16.09 12.99 -18.29
N LYS A 22 -15.20 12.70 -19.23
CA LYS A 22 -14.00 13.50 -19.47
C LYS A 22 -14.23 15.00 -19.40
N ASP A 23 -15.28 15.47 -20.05
CA ASP A 23 -15.62 16.90 -20.10
C ASP A 23 -15.80 17.55 -18.74
N TYR A 24 -16.15 16.77 -17.72
CA TYR A 24 -16.41 17.31 -16.39
C TYR A 24 -15.32 17.08 -15.35
N ILE A 25 -14.22 16.45 -15.74
CA ILE A 25 -13.15 16.17 -14.79
C ILE A 25 -11.82 16.86 -15.07
N SER A 26 -10.97 16.90 -14.05
CA SER A 26 -9.64 17.49 -14.15
C SER A 26 -8.55 16.43 -14.24
N MET A 27 -8.75 15.31 -13.55
CA MET A 27 -7.78 14.21 -13.56
C MET A 27 -8.48 12.88 -13.31
N ILE A 28 -7.75 11.79 -13.50
CA ILE A 28 -8.25 10.46 -13.24
C ILE A 28 -7.33 9.83 -12.18
N LYS A 29 -7.93 9.14 -11.21
CA LYS A 29 -7.13 8.50 -10.17
C LYS A 29 -7.28 6.98 -10.30
N VAL A 30 -6.17 6.27 -10.44
CA VAL A 30 -6.23 4.82 -10.55
C VAL A 30 -5.69 4.24 -9.23
N ASN A 31 -6.22 3.09 -8.82
CA ASN A 31 -5.82 2.48 -7.56
C ASN A 31 -5.48 1.02 -7.90
N TRP A 32 -5.11 0.23 -6.90
CA TRP A 32 -4.73 -1.16 -7.17
C TRP A 32 -5.79 -2.02 -7.86
N PRO A 33 -7.09 -1.79 -7.58
CA PRO A 33 -8.10 -2.62 -8.23
C PRO A 33 -8.00 -2.63 -9.76
N LEU A 34 -7.89 -1.45 -10.36
CA LEU A 34 -7.80 -1.37 -11.83
C LEU A 34 -6.45 -1.89 -12.33
N ILE A 35 -5.37 -1.56 -11.61
CA ILE A 35 -4.04 -2.02 -12.01
C ILE A 35 -3.98 -3.54 -11.96
N LEU A 36 -4.52 -4.13 -10.90
CA LEU A 36 -4.55 -5.58 -10.75
C LEU A 36 -5.39 -6.22 -11.86
N GLY A 37 -6.53 -5.60 -12.15
CA GLY A 37 -7.41 -6.15 -13.16
C GLY A 37 -7.06 -5.89 -14.61
N SER A 38 -6.28 -4.85 -14.88
CA SER A 38 -5.96 -4.55 -16.28
C SER A 38 -4.48 -4.42 -16.61
N GLY A 39 -3.64 -4.41 -15.58
CA GLY A 39 -2.21 -4.26 -15.82
C GLY A 39 -1.86 -2.79 -15.65
N VAL A 40 -0.62 -2.50 -15.25
CA VAL A 40 -0.23 -1.11 -15.03
C VAL A 40 -0.29 -0.27 -16.30
N ASP A 41 -0.18 -0.91 -17.46
CA ASP A 41 -0.24 -0.18 -18.72
C ASP A 41 -1.57 0.54 -18.90
N ILE A 42 -2.56 0.21 -18.07
CA ILE A 42 -3.86 0.88 -18.18
C ILE A 42 -3.70 2.39 -17.93
N ILE A 43 -2.63 2.78 -17.23
CA ILE A 43 -2.39 4.17 -16.95
C ILE A 43 -2.10 4.96 -18.24
N ARG A 44 -1.22 4.41 -19.07
CA ARG A 44 -0.88 5.05 -20.32
C ARG A 44 -2.10 5.14 -21.25
N ARG A 45 -2.88 4.07 -21.31
CA ARG A 45 -4.06 4.05 -22.17
C ARG A 45 -5.12 5.06 -21.77
N LEU A 46 -5.31 5.24 -20.47
CA LEU A 46 -6.29 6.19 -19.98
C LEU A 46 -5.85 7.60 -20.38
N LYS A 47 -4.56 7.88 -20.25
CA LYS A 47 -4.06 9.21 -20.58
C LYS A 47 -4.23 9.48 -22.07
N GLU A 48 -3.92 8.48 -22.89
CA GLU A 48 -4.04 8.66 -24.33
C GLU A 48 -5.49 8.81 -24.77
N GLU A 49 -6.39 8.12 -24.08
CA GLU A 49 -7.80 8.20 -24.44
C GLU A 49 -8.53 9.43 -23.89
N THR A 50 -7.99 10.04 -22.85
CA THR A 50 -8.67 11.18 -22.23
C THR A 50 -7.93 12.51 -22.25
N GLY A 51 -6.61 12.48 -22.32
CA GLY A 51 -5.84 13.72 -22.31
C GLY A 51 -5.71 14.37 -20.93
N VAL A 52 -6.13 13.68 -19.87
CA VAL A 52 -5.99 14.28 -18.54
C VAL A 52 -4.88 13.61 -17.75
N GLU A 53 -4.40 14.29 -16.71
CA GLU A 53 -3.33 13.72 -15.91
C GLU A 53 -3.84 12.53 -15.10
N ILE A 54 -2.95 11.62 -14.75
CA ILE A 54 -3.31 10.44 -13.98
C ILE A 54 -2.60 10.36 -12.64
N ILE A 55 -3.39 10.14 -11.59
CA ILE A 55 -2.84 9.99 -10.24
C ILE A 55 -2.89 8.49 -9.92
N ALA A 56 -1.76 7.91 -9.50
CA ALA A 56 -1.72 6.50 -9.12
C ALA A 56 -1.83 6.50 -7.61
N ASP A 57 -3.00 6.13 -7.11
CA ASP A 57 -3.25 6.10 -5.66
C ASP A 57 -2.78 4.74 -5.16
N LEU A 58 -1.49 4.63 -4.91
CA LEU A 58 -0.90 3.37 -4.47
C LEU A 58 -0.79 3.25 -2.97
N LYS A 59 -0.88 4.37 -2.27
CA LYS A 59 -0.78 4.37 -0.82
C LYS A 59 0.50 3.66 -0.45
N LEU A 60 1.59 3.99 -1.16
CA LEU A 60 2.86 3.33 -0.89
C LEU A 60 3.21 3.45 0.58
N ALA A 61 3.62 2.34 1.17
CA ALA A 61 3.90 2.28 2.59
C ALA A 61 4.86 1.15 2.91
N ASP A 62 5.95 1.08 2.15
CA ASP A 62 6.95 0.04 2.32
C ASP A 62 8.28 0.71 2.65
N ILE A 63 9.36 -0.08 2.73
CA ILE A 63 10.68 0.46 3.02
C ILE A 63 11.13 1.24 1.78
N PRO A 64 12.14 2.11 1.96
CA PRO A 64 12.63 2.91 0.82
C PRO A 64 12.94 2.12 -0.45
N ASN A 65 13.69 1.03 -0.34
CA ASN A 65 14.06 0.31 -1.55
C ASN A 65 12.85 -0.21 -2.32
N THR A 66 11.86 -0.76 -1.64
CA THR A 66 10.70 -1.29 -2.33
C THR A 66 9.84 -0.14 -2.91
N ASN A 67 9.67 0.95 -2.16
CA ASN A 67 8.91 2.11 -2.64
C ASN A 67 9.56 2.58 -3.94
N ARG A 68 10.89 2.56 -3.97
CA ARG A 68 11.61 2.97 -5.16
C ARG A 68 11.27 2.03 -6.33
N LEU A 69 11.38 0.73 -6.10
CA LEU A 69 11.07 -0.24 -7.16
C LEU A 69 9.65 -0.08 -7.69
N ILE A 70 8.70 0.13 -6.79
CA ILE A 70 7.31 0.28 -7.21
C ILE A 70 7.08 1.58 -8.00
N ALA A 71 7.47 2.70 -7.39
CA ALA A 71 7.29 4.01 -8.01
C ALA A 71 7.97 4.15 -9.36
N ARG A 72 9.15 3.58 -9.52
CA ARG A 72 9.83 3.72 -10.79
C ARG A 72 9.02 3.04 -11.89
N LYS A 73 8.38 1.92 -11.56
CA LYS A 73 7.58 1.19 -12.53
C LYS A 73 6.27 1.91 -12.86
N VAL A 74 5.65 2.50 -11.84
CA VAL A 74 4.38 3.21 -12.03
C VAL A 74 4.58 4.57 -12.71
N PHE A 75 5.60 5.32 -12.33
CA PHE A 75 5.85 6.61 -13.00
C PHE A 75 6.23 6.24 -14.43
N GLY A 76 6.97 5.15 -14.58
CA GLY A 76 7.39 4.72 -15.90
C GLY A 76 6.22 4.32 -16.78
N ALA A 77 5.11 3.97 -16.15
CA ALA A 77 3.90 3.58 -16.87
C ALA A 77 3.07 4.78 -17.26
N GLY A 78 3.50 5.96 -16.88
CA GLY A 78 2.76 7.17 -17.23
C GLY A 78 2.10 7.95 -16.10
N ALA A 79 2.21 7.48 -14.86
CA ALA A 79 1.58 8.21 -13.76
C ALA A 79 2.18 9.61 -13.63
N ASP A 80 1.31 10.60 -13.39
CA ASP A 80 1.76 11.97 -13.24
C ASP A 80 2.04 12.27 -11.76
N TYR A 81 1.34 11.55 -10.89
CA TYR A 81 1.49 11.70 -9.45
C TYR A 81 1.34 10.33 -8.78
N VAL A 82 2.00 10.15 -7.65
CA VAL A 82 1.89 8.91 -6.88
C VAL A 82 1.55 9.29 -5.44
N ILE A 83 0.51 8.65 -4.90
CA ILE A 83 0.11 8.92 -3.52
C ILE A 83 0.90 7.97 -2.61
N VAL A 84 1.50 8.55 -1.57
CA VAL A 84 2.29 7.81 -0.62
C VAL A 84 1.85 8.13 0.81
N HIS A 85 1.94 7.13 1.69
CA HIS A 85 1.58 7.36 3.08
C HIS A 85 2.71 8.11 3.76
N THR A 86 2.38 8.85 4.81
CA THR A 86 3.37 9.60 5.56
C THR A 86 3.79 8.80 6.80
N PHE A 87 2.89 7.97 7.32
CA PHE A 87 3.20 7.24 8.56
C PHE A 87 4.38 6.28 8.54
N VAL A 88 4.80 5.84 7.36
CA VAL A 88 5.92 4.92 7.25
C VAL A 88 7.26 5.64 7.38
N GLY A 89 7.23 6.96 7.46
CA GLY A 89 8.45 7.72 7.64
C GLY A 89 8.98 8.49 6.45
N ARG A 90 9.83 9.48 6.76
CA ARG A 90 10.41 10.35 5.75
C ARG A 90 11.21 9.67 4.65
N ASP A 91 12.08 8.72 5.02
CA ASP A 91 12.90 8.06 4.01
C ASP A 91 12.09 7.34 2.93
N SER A 92 10.98 6.72 3.30
CA SER A 92 10.16 6.01 2.32
C SER A 92 9.47 6.99 1.39
N VAL A 93 9.09 8.14 1.93
CA VAL A 93 8.45 9.19 1.13
C VAL A 93 9.43 9.73 0.09
N MET A 94 10.64 10.04 0.54
CA MET A 94 11.67 10.60 -0.35
C MET A 94 12.08 9.64 -1.46
N ALA A 95 12.08 8.35 -1.17
CA ALA A 95 12.45 7.37 -2.18
C ALA A 95 11.52 7.50 -3.38
N VAL A 96 10.28 7.91 -3.12
CA VAL A 96 9.30 8.07 -4.20
C VAL A 96 9.37 9.46 -4.85
N LYS A 97 9.54 10.48 -4.02
CA LYS A 97 9.61 11.87 -4.50
C LYS A 97 10.79 12.07 -5.44
N GLU A 98 11.86 11.28 -5.26
CA GLU A 98 13.02 11.40 -6.14
C GLU A 98 12.70 10.96 -7.56
N LEU A 99 11.60 10.23 -7.75
CA LEU A 99 11.22 9.72 -9.07
C LEU A 99 10.10 10.49 -9.78
N GLY A 100 9.40 11.34 -9.03
CA GLY A 100 8.30 12.08 -9.63
C GLY A 100 7.46 12.79 -8.59
N GLU A 101 6.39 13.48 -9.04
CA GLU A 101 5.55 14.23 -8.12
C GLU A 101 4.69 13.34 -7.24
N ILE A 102 4.59 13.69 -5.96
CA ILE A 102 3.83 12.90 -5.01
C ILE A 102 2.74 13.65 -4.27
N ILE A 103 1.84 12.87 -3.69
CA ILE A 103 0.76 13.39 -2.88
C ILE A 103 0.88 12.61 -1.58
N MET A 104 0.98 13.31 -0.46
CA MET A 104 1.14 12.66 0.84
C MET A 104 -0.16 12.53 1.62
N VAL A 105 -0.41 11.36 2.19
CA VAL A 105 -1.61 11.17 2.97
C VAL A 105 -1.43 11.89 4.32
N VAL A 106 -2.36 12.77 4.66
CA VAL A 106 -2.29 13.48 5.93
C VAL A 106 -3.39 12.95 6.85
N GLU A 107 -4.64 12.92 6.37
CA GLU A 107 -5.73 12.37 7.17
C GLU A 107 -6.70 11.66 6.24
N MET A 108 -7.07 10.41 6.55
CA MET A 108 -7.96 9.65 5.68
C MET A 108 -9.44 9.84 5.99
N SER A 109 -10.31 9.43 5.07
CA SER A 109 -11.74 9.65 5.19
C SER A 109 -12.62 8.64 5.91
N HIS A 110 -12.10 7.43 6.13
CA HIS A 110 -12.90 6.37 6.76
C HIS A 110 -12.84 6.41 8.29
N PRO A 111 -13.78 5.71 8.95
CA PRO A 111 -13.85 5.65 10.42
C PRO A 111 -12.55 5.22 11.09
N GLY A 112 -11.88 4.22 10.51
CA GLY A 112 -10.64 3.73 11.09
C GLY A 112 -9.54 4.77 11.14
N ALA A 113 -9.66 5.81 10.33
CA ALA A 113 -8.64 6.86 10.29
C ALA A 113 -8.53 7.61 11.63
N LEU A 114 -9.59 7.52 12.44
CA LEU A 114 -9.59 8.21 13.74
C LEU A 114 -8.77 7.47 14.79
N GLU A 115 -8.48 6.19 14.54
CA GLU A 115 -7.75 5.39 15.51
C GLU A 115 -6.28 5.79 15.70
N PHE A 116 -5.54 5.94 14.61
CA PHE A 116 -4.12 6.29 14.72
C PHE A 116 -3.67 7.48 13.88
N ILE A 117 -4.30 7.67 12.73
CA ILE A 117 -3.90 8.76 11.84
C ILE A 117 -4.32 10.15 12.30
N ASN A 118 -5.61 10.33 12.56
CA ASN A 118 -6.13 11.63 12.97
C ASN A 118 -5.36 12.20 14.18
N PRO A 119 -5.07 11.38 15.19
CA PRO A 119 -4.34 11.91 16.34
C PRO A 119 -2.95 12.46 16.01
N LEU A 120 -2.45 12.14 14.82
CA LEU A 120 -1.11 12.59 14.42
C LEU A 120 -1.14 13.61 13.28
N THR A 121 -2.33 14.08 12.93
CA THR A 121 -2.48 15.03 11.84
C THR A 121 -1.47 16.17 11.89
N ASP A 122 -1.35 16.84 13.05
CA ASP A 122 -0.42 17.96 13.17
C ASP A 122 0.98 17.56 12.74
N ARG A 123 1.45 16.41 13.22
CA ARG A 123 2.79 15.93 12.87
C ARG A 123 2.93 15.68 11.37
N PHE A 124 1.90 15.10 10.76
CA PHE A 124 1.94 14.80 9.33
C PHE A 124 2.00 16.08 8.49
N ILE A 125 1.25 17.10 8.91
CA ILE A 125 1.27 18.37 8.19
C ILE A 125 2.68 18.94 8.26
N GLU A 126 3.32 18.81 9.42
CA GLU A 126 4.68 19.31 9.60
C GLU A 126 5.62 18.64 8.60
N VAL A 127 5.46 17.33 8.43
CA VAL A 127 6.31 16.61 7.50
C VAL A 127 6.03 17.04 6.06
N ALA A 128 4.75 17.17 5.72
CA ALA A 128 4.39 17.59 4.38
C ALA A 128 4.95 18.99 4.10
N ASN A 129 4.92 19.87 5.10
CA ASN A 129 5.45 21.23 4.90
C ASN A 129 6.94 21.25 4.64
N GLU A 130 7.68 20.33 5.26
CA GLU A 130 9.12 20.29 5.04
C GLU A 130 9.44 19.63 3.69
N ILE A 131 8.69 18.58 3.32
CA ILE A 131 8.91 17.86 2.07
C ILE A 131 8.39 18.61 0.83
N GLU A 132 7.28 19.31 1.00
CA GLU A 132 6.68 20.06 -0.10
C GLU A 132 6.23 19.22 -1.30
N PRO A 133 5.27 18.31 -1.07
CA PRO A 133 4.75 17.46 -2.15
C PRO A 133 3.76 18.30 -2.97
N PHE A 134 3.31 17.76 -4.11
CA PHE A 134 2.35 18.48 -4.94
C PHE A 134 1.08 18.74 -4.14
N GLY A 135 0.68 17.74 -3.35
CA GLY A 135 -0.52 17.90 -2.56
C GLY A 135 -0.62 16.87 -1.44
N VAL A 136 -1.71 16.92 -0.69
CA VAL A 136 -1.94 15.99 0.41
C VAL A 136 -3.38 15.53 0.39
N ILE A 137 -3.62 14.38 1.00
CA ILE A 137 -4.96 13.81 1.14
C ILE A 137 -5.56 14.32 2.44
N ALA A 138 -6.76 14.89 2.34
CA ALA A 138 -7.53 15.39 3.49
C ALA A 138 -8.91 14.72 3.39
N PRO A 139 -9.62 14.57 4.52
CA PRO A 139 -10.94 13.93 4.56
C PRO A 139 -12.19 14.65 4.05
N GLY A 140 -12.67 14.21 2.89
CA GLY A 140 -13.88 14.80 2.31
C GLY A 140 -15.07 14.52 3.22
N THR A 141 -14.96 13.49 4.04
CA THR A 141 -16.02 13.13 4.97
C THR A 141 -16.03 14.04 6.20
N ARG A 142 -14.97 14.82 6.39
CA ARG A 142 -14.87 15.73 7.54
C ARG A 142 -14.34 17.07 7.06
N PRO A 143 -15.20 17.87 6.43
CA PRO A 143 -14.79 19.18 5.93
C PRO A 143 -14.14 20.10 6.96
N GLU A 144 -14.51 19.95 8.22
CA GLU A 144 -13.91 20.79 9.25
C GLU A 144 -12.42 20.48 9.35
N ARG A 145 -12.06 19.23 9.08
CA ARG A 145 -10.65 18.81 9.13
C ARG A 145 -9.92 19.31 7.91
N ILE A 146 -10.64 19.48 6.81
CA ILE A 146 -10.00 20.02 5.60
C ILE A 146 -9.55 21.44 5.91
N GLY A 147 -10.40 22.20 6.61
CA GLY A 147 -10.05 23.57 6.96
C GLY A 147 -8.89 23.59 7.94
N TYR A 148 -8.96 22.70 8.92
CA TYR A 148 -7.92 22.57 9.93
C TYR A 148 -6.56 22.40 9.25
N ILE A 149 -6.50 21.47 8.31
CA ILE A 149 -5.27 21.17 7.57
C ILE A 149 -4.85 22.36 6.70
N ARG A 150 -5.80 22.90 5.94
CA ARG A 150 -5.51 24.03 5.06
C ARG A 150 -4.88 25.18 5.82
N ASP A 151 -5.38 25.46 7.02
CA ASP A 151 -4.86 26.54 7.84
C ASP A 151 -3.42 26.33 8.29
N ARG A 152 -2.95 25.09 8.32
CA ARG A 152 -1.59 24.82 8.79
C ARG A 152 -0.63 24.36 7.70
N LEU A 153 -1.17 24.13 6.52
CA LEU A 153 -0.37 23.64 5.39
C LEU A 153 0.15 24.78 4.54
N LYS A 154 1.42 24.70 4.11
CA LYS A 154 1.99 25.75 3.26
C LYS A 154 1.08 26.00 2.06
N GLU A 155 0.82 27.28 1.79
CA GLU A 155 -0.06 27.69 0.69
C GLU A 155 0.14 27.02 -0.65
N GLY A 156 1.40 26.76 -1.00
CA GLY A 156 1.70 26.14 -2.28
C GLY A 156 1.33 24.67 -2.41
N ILE A 157 0.99 24.04 -1.29
CA ILE A 157 0.62 22.63 -1.33
C ILE A 157 -0.88 22.48 -1.51
N LYS A 158 -1.28 21.62 -2.45
CA LYS A 158 -2.70 21.43 -2.72
C LYS A 158 -3.34 20.39 -1.83
N ILE A 159 -4.66 20.44 -1.74
CA ILE A 159 -5.39 19.48 -0.94
C ILE A 159 -6.38 18.73 -1.85
N LEU A 160 -6.33 17.41 -1.81
CA LEU A 160 -7.24 16.58 -2.60
C LEU A 160 -8.10 15.85 -1.56
N ALA A 161 -9.42 15.86 -1.77
CA ALA A 161 -10.31 15.26 -0.80
C ALA A 161 -11.21 14.14 -1.32
N PRO A 162 -10.93 12.90 -0.91
CA PRO A 162 -11.74 11.74 -1.32
C PRO A 162 -12.83 11.62 -0.25
N GLY A 163 -13.78 10.72 -0.43
CA GLY A 163 -14.86 10.57 0.54
C GLY A 163 -16.09 11.40 0.18
N ILE A 164 -16.16 11.81 -1.09
CA ILE A 164 -17.27 12.59 -1.60
C ILE A 164 -18.28 11.68 -2.29
N GLY A 165 -19.55 11.76 -1.90
CA GLY A 165 -20.56 10.93 -2.52
C GLY A 165 -20.88 9.69 -1.71
N ALA A 166 -20.35 8.55 -2.14
CA ALA A 166 -20.59 7.28 -1.47
C ALA A 166 -20.29 7.34 0.03
N GLN A 167 -19.15 7.89 0.43
CA GLN A 167 -18.83 7.94 1.85
C GLN A 167 -19.58 9.03 2.63
N GLY A 168 -20.40 9.82 1.93
CA GLY A 168 -21.18 10.83 2.61
C GLY A 168 -20.74 12.27 2.52
N GLY A 169 -19.50 12.51 2.11
CA GLY A 169 -19.02 13.89 2.00
C GLY A 169 -19.69 14.68 0.88
N LYS A 170 -19.91 15.97 1.11
CA LYS A 170 -20.52 16.85 0.11
C LYS A 170 -19.43 17.63 -0.61
N ALA A 171 -19.52 17.70 -1.94
CA ALA A 171 -18.52 18.39 -2.75
C ALA A 171 -18.42 19.87 -2.41
N LYS A 172 -19.57 20.53 -2.28
CA LYS A 172 -19.59 21.96 -1.95
C LYS A 172 -18.87 22.26 -0.63
N ASP A 173 -19.16 21.46 0.41
CA ASP A 173 -18.54 21.65 1.72
C ASP A 173 -17.02 21.51 1.66
N ALA A 174 -16.56 20.52 0.89
CA ALA A 174 -15.11 20.29 0.79
C ALA A 174 -14.40 21.43 0.07
N VAL A 175 -14.99 21.94 -1.00
CA VAL A 175 -14.39 23.04 -1.75
C VAL A 175 -14.33 24.30 -0.87
N LYS A 176 -15.41 24.54 -0.16
CA LYS A 176 -15.52 25.70 0.72
C LYS A 176 -14.45 25.63 1.82
N ALA A 177 -14.19 24.42 2.30
CA ALA A 177 -13.21 24.21 3.36
C ALA A 177 -11.76 24.34 2.88
N GLY A 178 -11.54 24.33 1.58
CA GLY A 178 -10.18 24.48 1.08
C GLY A 178 -9.64 23.36 0.21
N ALA A 179 -10.49 22.43 -0.23
CA ALA A 179 -10.01 21.35 -1.09
C ALA A 179 -9.80 21.92 -2.49
N ASP A 180 -8.68 21.58 -3.11
CA ASP A 180 -8.38 22.02 -4.47
C ASP A 180 -8.92 21.01 -5.46
N TYR A 181 -8.96 19.75 -5.04
CA TYR A 181 -9.49 18.68 -5.88
C TYR A 181 -10.48 17.85 -5.09
N ILE A 182 -11.54 17.44 -5.78
CA ILE A 182 -12.62 16.63 -5.22
C ILE A 182 -12.57 15.24 -5.86
N ILE A 183 -12.17 14.24 -5.09
CA ILE A 183 -12.07 12.89 -5.61
C ILE A 183 -13.42 12.20 -5.51
N VAL A 184 -13.88 11.65 -6.62
CA VAL A 184 -15.17 10.98 -6.64
C VAL A 184 -15.07 9.67 -7.38
N GLY A 185 -15.49 8.59 -6.72
CA GLY A 185 -15.45 7.28 -7.31
C GLY A 185 -16.82 6.72 -7.59
N ARG A 186 -17.32 5.89 -6.68
CA ARG A 186 -18.62 5.23 -6.84
C ARG A 186 -19.78 6.11 -7.29
N ALA A 187 -19.88 7.34 -6.75
CA ALA A 187 -20.98 8.22 -7.13
C ALA A 187 -21.00 8.47 -8.64
N ILE A 188 -19.86 8.27 -9.30
CA ILE A 188 -19.84 8.45 -10.75
C ILE A 188 -19.81 7.12 -11.48
N TYR A 189 -18.82 6.27 -11.16
CA TYR A 189 -18.72 5.00 -11.89
C TYR A 189 -19.79 3.94 -11.62
N ASN A 190 -20.51 4.06 -10.52
CA ASN A 190 -21.58 3.13 -10.18
C ASN A 190 -22.93 3.73 -10.54
N ALA A 191 -22.93 4.99 -10.98
CA ALA A 191 -24.18 5.64 -11.36
C ALA A 191 -24.77 5.04 -12.65
N PRO A 192 -26.10 5.00 -12.75
CA PRO A 192 -26.74 4.46 -13.95
C PRO A 192 -26.27 5.25 -15.18
N ASN A 193 -26.03 6.54 -14.98
CA ASN A 193 -25.57 7.42 -16.04
C ASN A 193 -24.40 8.23 -15.45
N PRO A 194 -23.17 7.74 -15.61
CA PRO A 194 -21.98 8.41 -15.10
C PRO A 194 -21.83 9.86 -15.53
N ARG A 195 -22.15 10.15 -16.80
CA ARG A 195 -21.99 11.53 -17.27
C ARG A 195 -22.93 12.47 -16.53
N GLU A 196 -24.17 12.03 -16.34
CA GLU A 196 -25.17 12.82 -15.63
C GLU A 196 -24.73 13.03 -14.18
N ALA A 197 -24.13 11.99 -13.60
CA ALA A 197 -23.65 12.05 -12.22
C ALA A 197 -22.51 13.05 -12.09
N ALA A 198 -21.58 13.02 -13.04
CA ALA A 198 -20.45 13.93 -13.02
C ALA A 198 -20.92 15.37 -13.23
N LYS A 199 -21.87 15.56 -14.13
CA LYS A 199 -22.42 16.89 -14.41
C LYS A 199 -23.09 17.48 -13.15
N ALA A 200 -23.78 16.64 -12.39
CA ALA A 200 -24.45 17.11 -11.17
C ALA A 200 -23.44 17.64 -10.17
N ILE A 201 -22.31 16.96 -10.03
CA ILE A 201 -21.28 17.38 -9.08
C ILE A 201 -20.59 18.64 -9.61
N TYR A 202 -20.37 18.65 -10.92
CA TYR A 202 -19.75 19.80 -11.59
C TYR A 202 -20.62 21.05 -11.36
N ASP A 203 -21.94 20.87 -11.46
CA ASP A 203 -22.87 21.97 -11.26
C ASP A 203 -22.89 22.41 -9.80
N GLU A 204 -22.86 21.45 -8.89
CA GLU A 204 -22.86 21.74 -7.46
C GLU A 204 -21.68 22.62 -7.09
N ILE A 205 -20.50 22.25 -7.58
CA ILE A 205 -19.29 23.00 -7.29
C ILE A 205 -19.31 24.39 -7.91
N ARG A 206 -19.95 24.54 -9.06
CA ARG A 206 -20.05 25.85 -9.70
C ARG A 206 -21.10 26.70 -9.00
N GLY A 207 -21.88 26.07 -8.13
CA GLY A 207 -22.90 26.78 -7.38
C GLY A 207 -24.12 27.17 -8.18
N VAL A 208 -24.45 26.37 -9.19
CA VAL A 208 -25.61 26.64 -10.02
C VAL A 208 -26.78 25.73 -9.66
N MET B 1 12.63 -20.90 9.46
CA MET B 1 11.91 -21.02 8.15
C MET B 1 12.12 -19.75 7.32
N ILE B 2 12.69 -19.91 6.14
CA ILE B 2 12.98 -18.79 5.29
C ILE B 2 11.85 -18.49 4.31
N VAL B 3 11.47 -17.21 4.26
CA VAL B 3 10.44 -16.74 3.36
C VAL B 3 11.19 -15.93 2.29
N LEU B 4 11.12 -16.36 1.03
CA LEU B 4 11.82 -15.65 -0.05
C LEU B 4 11.07 -14.43 -0.54
N ALA B 5 11.66 -13.25 -0.43
CA ALA B 5 11.03 -12.02 -0.91
C ALA B 5 11.49 -11.86 -2.36
N LEU B 6 10.62 -12.26 -3.28
CA LEU B 6 10.93 -12.24 -4.70
C LEU B 6 10.60 -10.90 -5.35
N ASP B 7 11.41 -9.89 -5.05
CA ASP B 7 11.20 -8.55 -5.56
C ASP B 7 11.96 -8.22 -6.85
N VAL B 8 11.67 -8.96 -7.90
CA VAL B 8 12.25 -8.72 -9.21
C VAL B 8 11.02 -8.48 -10.07
N TYR B 9 11.18 -7.75 -11.18
CA TYR B 9 10.04 -7.46 -12.05
C TYR B 9 9.68 -8.62 -12.99
N GLU B 10 10.71 -9.37 -13.41
CA GLU B 10 10.55 -10.46 -14.39
C GLU B 10 10.02 -11.79 -13.83
N GLY B 11 8.90 -12.24 -14.38
CA GLY B 11 8.29 -13.49 -13.92
C GLY B 11 9.08 -14.77 -14.13
N GLU B 12 9.64 -14.96 -15.33
CA GLU B 12 10.41 -16.17 -15.58
C GLU B 12 11.64 -16.21 -14.70
N ARG B 13 12.25 -15.04 -14.50
CA ARG B 13 13.42 -14.91 -13.66
C ARG B 13 13.05 -15.26 -12.21
N ALA B 14 11.89 -14.79 -11.77
CA ALA B 14 11.44 -15.05 -10.41
C ALA B 14 11.20 -16.54 -10.20
N ILE B 15 10.55 -17.18 -11.15
CA ILE B 15 10.27 -18.61 -11.06
C ILE B 15 11.58 -19.41 -11.01
N LYS B 16 12.56 -19.00 -11.80
CA LYS B 16 13.84 -19.71 -11.81
C LYS B 16 14.50 -19.62 -10.44
N ILE B 17 14.49 -18.43 -9.86
CA ILE B 17 15.10 -18.25 -8.55
C ILE B 17 14.38 -19.10 -7.49
N ALA B 18 13.05 -19.05 -7.51
CA ALA B 18 12.23 -19.79 -6.57
C ALA B 18 12.52 -21.29 -6.66
N LYS B 19 12.51 -21.82 -7.86
CA LYS B 19 12.78 -23.24 -8.04
C LYS B 19 14.18 -23.60 -7.55
N SER B 20 15.15 -22.73 -7.79
CA SER B 20 16.52 -23.02 -7.37
C SER B 20 16.72 -23.02 -5.85
N VAL B 21 15.88 -22.30 -5.12
CA VAL B 21 16.06 -22.24 -3.65
C VAL B 21 14.93 -22.92 -2.86
N LYS B 22 14.01 -23.56 -3.57
CA LYS B 22 12.88 -24.24 -2.92
C LYS B 22 13.28 -25.12 -1.75
N ASP B 23 14.34 -25.90 -1.91
CA ASP B 23 14.80 -26.80 -0.86
C ASP B 23 15.09 -26.12 0.47
N TYR B 24 15.39 -24.84 0.45
CA TYR B 24 15.75 -24.12 1.66
C TYR B 24 14.76 -23.07 2.14
N ILE B 25 13.58 -23.01 1.54
CA ILE B 25 12.59 -22.03 1.98
C ILE B 25 11.28 -22.70 2.35
N SER B 26 10.44 -21.99 3.08
CA SER B 26 9.16 -22.53 3.48
C SER B 26 8.01 -21.80 2.74
N MET B 27 8.23 -20.54 2.39
CA MET B 27 7.20 -19.77 1.68
C MET B 27 7.83 -18.76 0.75
N ILE B 28 7.02 -18.19 -0.14
CA ILE B 28 7.49 -17.17 -1.09
C ILE B 28 6.62 -15.94 -0.86
N LYS B 29 7.27 -14.79 -0.79
CA LYS B 29 6.56 -13.52 -0.58
C LYS B 29 6.66 -12.71 -1.86
N VAL B 30 5.49 -12.32 -2.39
CA VAL B 30 5.43 -11.52 -3.59
C VAL B 30 4.99 -10.13 -3.13
N ASN B 31 5.56 -9.09 -3.74
CA ASN B 31 5.23 -7.70 -3.40
C ASN B 31 4.79 -7.02 -4.70
N TRP B 32 4.48 -5.73 -4.65
CA TRP B 32 4.03 -5.01 -5.83
C TRP B 32 4.97 -5.01 -7.04
N PRO B 33 6.30 -4.95 -6.81
CA PRO B 33 7.22 -4.97 -7.97
C PRO B 33 6.98 -6.15 -8.94
N LEU B 34 6.92 -7.37 -8.41
CA LEU B 34 6.71 -8.56 -9.25
C LEU B 34 5.30 -8.57 -9.83
N ILE B 35 4.31 -8.19 -9.01
CA ILE B 35 2.93 -8.17 -9.49
C ILE B 35 2.77 -7.18 -10.65
N LEU B 36 3.41 -6.01 -10.52
CA LEU B 36 3.36 -4.99 -11.57
C LEU B 36 4.10 -5.48 -12.82
N GLY B 37 5.26 -6.06 -12.59
CA GLY B 37 6.06 -6.54 -13.70
C GLY B 37 5.55 -7.76 -14.45
N SER B 38 4.90 -8.69 -13.75
CA SER B 38 4.43 -9.92 -14.40
C SER B 38 2.93 -10.18 -14.34
N GLY B 39 2.21 -9.34 -13.60
CA GLY B 39 0.76 -9.54 -13.50
C GLY B 39 0.44 -10.35 -12.25
N VAL B 40 -0.75 -10.16 -11.68
CA VAL B 40 -1.13 -10.86 -10.46
C VAL B 40 -1.14 -12.39 -10.64
N ASP B 41 -1.28 -12.83 -11.88
CA ASP B 41 -1.30 -14.26 -12.17
C ASP B 41 0.02 -14.95 -11.81
N ILE B 42 1.08 -14.17 -11.61
CA ILE B 42 2.39 -14.71 -11.24
C ILE B 42 2.28 -15.53 -9.95
N ILE B 43 1.31 -15.17 -9.11
CA ILE B 43 1.08 -15.88 -7.84
C ILE B 43 0.70 -17.34 -8.13
N ARG B 44 -0.28 -17.54 -9.00
CA ARG B 44 -0.71 -18.89 -9.35
C ARG B 44 0.47 -19.65 -9.97
N ARG B 45 1.20 -18.98 -10.85
CA ARG B 45 2.35 -19.60 -11.51
C ARG B 45 3.41 -20.10 -10.53
N LEU B 46 3.75 -19.26 -9.55
CA LEU B 46 4.77 -19.65 -8.57
C LEU B 46 4.33 -20.85 -7.76
N LYS B 47 3.06 -20.86 -7.36
CA LYS B 47 2.56 -21.99 -6.58
C LYS B 47 2.57 -23.27 -7.40
N GLU B 48 2.22 -23.18 -8.68
CA GLU B 48 2.20 -24.35 -9.54
C GLU B 48 3.62 -24.87 -9.77
N GLU B 49 4.57 -23.95 -9.86
CA GLU B 49 5.97 -24.32 -10.11
C GLU B 49 6.76 -24.78 -8.88
N THR B 50 6.35 -24.36 -7.69
CA THR B 50 7.08 -24.70 -6.47
C THR B 50 6.31 -25.48 -5.42
N GLY B 51 4.99 -25.32 -5.40
CA GLY B 51 4.19 -26.03 -4.42
C GLY B 51 4.32 -25.45 -3.02
N VAL B 52 4.85 -24.24 -2.90
CA VAL B 52 5.00 -23.58 -1.61
C VAL B 52 3.91 -22.53 -1.42
N GLU B 53 3.61 -22.17 -0.16
CA GLU B 53 2.59 -21.17 0.10
C GLU B 53 3.10 -19.78 -0.29
N ILE B 54 2.18 -18.93 -0.73
CA ILE B 54 2.53 -17.59 -1.17
C ILE B 54 1.95 -16.48 -0.30
N ILE B 55 2.81 -15.56 0.10
CA ILE B 55 2.38 -14.42 0.91
C ILE B 55 2.36 -13.21 -0.02
N ALA B 56 1.24 -12.50 -0.08
CA ALA B 56 1.18 -11.31 -0.90
C ALA B 56 1.47 -10.13 0.02
N ASP B 57 2.67 -9.58 -0.10
CA ASP B 57 3.06 -8.45 0.75
C ASP B 57 2.59 -7.18 0.03
N LEU B 58 1.33 -6.83 0.28
CA LEU B 58 0.71 -5.68 -0.36
C LEU B 58 0.70 -4.45 0.56
N LYS B 59 0.91 -4.67 1.86
CA LYS B 59 0.90 -3.57 2.82
C LYS B 59 -0.36 -2.75 2.61
N LEU B 60 -1.51 -3.43 2.51
CA LEU B 60 -2.78 -2.74 2.27
C LEU B 60 -2.99 -1.65 3.31
N ALA B 61 -3.36 -0.48 2.83
CA ALA B 61 -3.50 0.67 3.70
C ALA B 61 -4.51 1.66 3.16
N ASP B 62 -5.64 1.14 2.69
CA ASP B 62 -6.71 1.94 2.11
C ASP B 62 -7.96 1.82 2.96
N ILE B 63 -9.04 2.48 2.54
CA ILE B 63 -10.31 2.41 3.26
C ILE B 63 -10.85 0.99 3.12
N PRO B 64 -11.81 0.62 3.98
CA PRO B 64 -12.35 -0.74 3.92
C PRO B 64 -12.82 -1.25 2.56
N ASN B 65 -13.62 -0.45 1.85
CA ASN B 65 -14.14 -0.91 0.57
C ASN B 65 -13.03 -1.20 -0.43
N THR B 66 -12.05 -0.32 -0.52
CA THR B 66 -10.98 -0.56 -1.47
C THR B 66 -10.11 -1.74 -1.07
N ASN B 67 -9.87 -1.88 0.24
CA ASN B 67 -9.06 -2.99 0.72
C ASN B 67 -9.76 -4.30 0.32
N ARG B 68 -11.09 -4.33 0.40
CA ARG B 68 -11.81 -5.55 0.05
C ARG B 68 -11.65 -5.85 -1.44
N LEU B 69 -11.79 -4.82 -2.26
CA LEU B 69 -11.67 -4.96 -3.70
C LEU B 69 -10.29 -5.51 -4.08
N ILE B 70 -9.25 -5.01 -3.40
CA ILE B 70 -7.89 -5.48 -3.69
C ILE B 70 -7.69 -6.91 -3.21
N ALA B 71 -8.04 -7.19 -1.95
CA ALA B 71 -7.88 -8.53 -1.39
C ALA B 71 -8.65 -9.58 -2.21
N ARG B 72 -9.80 -9.22 -2.73
CA ARG B 72 -10.63 -10.12 -3.53
C ARG B 72 -9.81 -10.63 -4.73
N LYS B 73 -9.15 -9.71 -5.43
CA LYS B 73 -8.35 -10.09 -6.60
C LYS B 73 -7.11 -10.87 -6.22
N VAL B 74 -6.46 -10.47 -5.14
CA VAL B 74 -5.23 -11.13 -4.74
C VAL B 74 -5.47 -12.53 -4.16
N PHE B 75 -6.41 -12.68 -3.23
CA PHE B 75 -6.69 -14.03 -2.73
C PHE B 75 -7.21 -14.84 -3.91
N GLY B 76 -7.99 -14.19 -4.77
CA GLY B 76 -8.55 -14.86 -5.94
C GLY B 76 -7.48 -15.39 -6.86
N ALA B 77 -6.32 -14.75 -6.85
CA ALA B 77 -5.21 -15.16 -7.70
C ALA B 77 -4.39 -16.29 -7.07
N GLY B 78 -4.75 -16.70 -5.85
CA GLY B 78 -4.04 -17.78 -5.20
C GLY B 78 -3.19 -17.41 -3.99
N ALA B 79 -3.23 -16.16 -3.55
CA ALA B 79 -2.41 -15.79 -2.38
C ALA B 79 -2.91 -16.52 -1.13
N ASP B 80 -1.97 -17.08 -0.35
CA ASP B 80 -2.34 -17.80 0.88
C ASP B 80 -2.47 -16.85 2.07
N TYR B 81 -1.76 -15.73 2.00
CA TYR B 81 -1.81 -14.71 3.04
C TYR B 81 -1.65 -13.35 2.39
N VAL B 82 -2.20 -12.31 3.03
CA VAL B 82 -2.05 -10.94 2.56
C VAL B 82 -1.57 -10.11 3.73
N ILE B 83 -0.55 -9.28 3.49
CA ILE B 83 -0.02 -8.41 4.53
C ILE B 83 -0.76 -7.08 4.48
N VAL B 84 -1.21 -6.63 5.65
CA VAL B 84 -1.94 -5.39 5.75
C VAL B 84 -1.37 -4.54 6.89
N HIS B 85 -1.45 -3.22 6.73
CA HIS B 85 -0.97 -2.32 7.76
C HIS B 85 -2.01 -2.24 8.87
N THR B 86 -1.56 -1.92 10.08
CA THR B 86 -2.47 -1.78 11.21
C THR B 86 -2.79 -0.30 11.41
N PHE B 87 -1.85 0.57 11.02
CA PHE B 87 -1.99 2.02 11.20
C PHE B 87 -3.29 2.63 10.67
N VAL B 88 -3.81 2.06 9.59
CA VAL B 88 -5.00 2.60 8.95
C VAL B 88 -6.31 2.32 9.69
N GLY B 89 -6.26 1.45 10.69
CA GLY B 89 -7.46 1.18 11.46
C GLY B 89 -8.00 -0.22 11.40
N ARG B 90 -8.76 -0.60 12.42
CA ARG B 90 -9.31 -1.93 12.48
C ARG B 90 -10.30 -2.26 11.37
N ASP B 91 -11.11 -1.30 10.96
CA ASP B 91 -12.06 -1.60 9.91
C ASP B 91 -11.38 -1.99 8.61
N SER B 92 -10.28 -1.32 8.28
CA SER B 92 -9.56 -1.64 7.07
C SER B 92 -8.88 -3.02 7.18
N VAL B 93 -8.46 -3.39 8.38
CA VAL B 93 -7.83 -4.70 8.55
C VAL B 93 -8.88 -5.81 8.41
N MET B 94 -10.03 -5.64 9.07
CA MET B 94 -11.07 -6.65 9.00
C MET B 94 -11.65 -6.82 7.60
N ALA B 95 -11.61 -5.78 6.78
CA ALA B 95 -12.16 -5.90 5.44
C ALA B 95 -11.37 -6.96 4.66
N VAL B 96 -10.09 -7.08 4.99
CA VAL B 96 -9.21 -8.05 4.34
C VAL B 96 -9.33 -9.42 5.00
N LYS B 97 -9.36 -9.45 6.32
CA LYS B 97 -9.43 -10.72 7.04
C LYS B 97 -10.70 -11.50 6.74
N GLU B 98 -11.75 -10.78 6.39
CA GLU B 98 -13.03 -11.43 6.09
C GLU B 98 -12.90 -12.25 4.81
N LEU B 99 -11.87 -12.00 4.02
CA LEU B 99 -11.67 -12.73 2.76
C LEU B 99 -10.57 -13.80 2.79
N GLY B 100 -9.72 -13.77 3.82
CA GLY B 100 -8.64 -14.75 3.89
C GLY B 100 -7.67 -14.46 5.03
N GLU B 101 -6.64 -15.29 5.17
CA GLU B 101 -5.67 -15.10 6.25
C GLU B 101 -4.78 -13.90 6.02
N ILE B 102 -4.49 -13.19 7.10
CA ILE B 102 -3.67 -12.01 7.03
C ILE B 102 -2.47 -11.99 7.97
N ILE B 103 -1.56 -11.08 7.68
CA ILE B 103 -0.39 -10.86 8.50
C ILE B 103 -0.43 -9.36 8.71
N MET B 104 -0.38 -8.92 9.97
CA MET B 104 -0.45 -7.50 10.30
C MET B 104 0.92 -6.89 10.56
N VAL B 105 1.14 -5.67 10.10
CA VAL B 105 2.42 -5.00 10.34
C VAL B 105 2.35 -4.44 11.76
N VAL B 106 3.36 -4.73 12.58
CA VAL B 106 3.40 -4.21 13.95
C VAL B 106 4.55 -3.21 14.04
N GLU B 107 5.73 -3.61 13.58
CA GLU B 107 6.87 -2.71 13.55
C GLU B 107 7.70 -3.02 12.31
N MET B 108 8.07 -1.98 11.55
CA MET B 108 8.85 -2.18 10.33
C MET B 108 10.36 -2.12 10.58
N SER B 109 11.13 -2.59 9.61
CA SER B 109 12.59 -2.69 9.71
C SER B 109 13.46 -1.51 9.29
N HIS B 110 12.90 -0.59 8.51
CA HIS B 110 13.69 0.56 8.02
C HIS B 110 13.79 1.72 9.03
N PRO B 111 14.76 2.62 8.82
CA PRO B 111 14.94 3.76 9.74
C PRO B 111 13.67 4.58 9.94
N GLY B 112 12.92 4.77 8.86
CA GLY B 112 11.70 5.56 8.93
C GLY B 112 10.66 5.01 9.89
N ALA B 113 10.75 3.71 10.20
CA ALA B 113 9.78 3.06 11.08
C ALA B 113 9.84 3.63 12.48
N LEU B 114 10.97 4.25 12.82
CA LEU B 114 11.12 4.83 14.15
C LEU B 114 10.37 6.15 14.34
N GLU B 115 9.98 6.80 13.25
CA GLU B 115 9.28 8.07 13.35
C GLU B 115 7.85 8.03 13.91
N PHE B 116 7.01 7.16 13.36
CA PHE B 116 5.62 7.07 13.82
C PHE B 116 5.16 5.68 14.25
N ILE B 117 5.66 4.65 13.59
CA ILE B 117 5.27 3.27 13.89
C ILE B 117 5.81 2.74 15.21
N ASN B 118 7.14 2.78 15.38
CA ASN B 118 7.76 2.26 16.60
C ASN B 118 7.17 2.80 17.92
N PRO B 119 6.87 4.11 17.98
CA PRO B 119 6.30 4.64 19.22
C PRO B 119 4.91 4.09 19.55
N LEU B 120 4.23 3.49 18.56
CA LEU B 120 2.90 2.94 18.78
C LEU B 120 2.87 1.42 18.83
N THR B 121 4.04 0.79 18.84
CA THR B 121 4.13 -0.66 18.87
C THR B 121 3.22 -1.33 19.92
N ASP B 122 3.21 -0.81 21.15
CA ASP B 122 2.37 -1.41 22.19
C ASP B 122 0.92 -1.47 21.76
N ARG B 123 0.44 -0.37 21.18
CA ARG B 123 -0.95 -0.31 20.72
C ARG B 123 -1.20 -1.29 19.57
N PHE B 124 -0.23 -1.41 18.66
CA PHE B 124 -0.40 -2.31 17.52
C PHE B 124 -0.41 -3.78 17.95
N ILE B 125 0.38 -4.10 18.98
CA ILE B 125 0.42 -5.46 19.51
C ILE B 125 -0.99 -5.73 20.06
N GLU B 126 -1.56 -4.76 20.77
CA GLU B 126 -2.91 -4.94 21.33
C GLU B 126 -3.95 -5.24 20.26
N VAL B 127 -3.89 -4.52 19.14
CA VAL B 127 -4.83 -4.74 18.04
C VAL B 127 -4.61 -6.12 17.42
N ALA B 128 -3.34 -6.48 17.17
CA ALA B 128 -3.07 -7.80 16.62
C ALA B 128 -3.59 -8.89 17.56
N ASN B 129 -3.45 -8.68 18.86
CA ASN B 129 -3.92 -9.69 19.80
C ASN B 129 -5.43 -9.86 19.74
N GLU B 130 -6.14 -8.76 19.47
CA GLU B 130 -7.60 -8.82 19.40
C GLU B 130 -8.10 -9.45 18.09
N ILE B 131 -7.42 -9.16 16.98
CA ILE B 131 -7.82 -9.67 15.67
C ILE B 131 -7.32 -11.10 15.40
N GLU B 132 -6.18 -11.46 16.00
CA GLU B 132 -5.58 -12.79 15.83
C GLU B 132 -5.26 -13.17 14.38
N PRO B 133 -4.35 -12.42 13.76
CA PRO B 133 -3.97 -12.72 12.37
C PRO B 133 -3.08 -13.96 12.41
N PHE B 134 -2.70 -14.46 11.25
CA PHE B 134 -1.82 -15.62 11.18
C PHE B 134 -0.50 -15.21 11.77
N GLY B 135 -0.08 -13.97 11.50
CA GLY B 135 1.19 -13.51 12.02
C GLY B 135 1.36 -12.01 11.93
N VAL B 136 2.49 -11.50 12.38
CA VAL B 136 2.75 -10.07 12.32
C VAL B 136 4.17 -9.84 11.83
N ILE B 137 4.42 -8.62 11.34
CA ILE B 137 5.75 -8.24 10.87
C ILE B 137 6.47 -7.55 12.03
N ALA B 138 7.67 -8.02 12.33
CA ALA B 138 8.54 -7.49 13.40
C ALA B 138 9.87 -7.20 12.70
N PRO B 139 10.66 -6.25 13.22
CA PRO B 139 11.95 -5.89 12.61
C PRO B 139 13.17 -6.80 12.79
N GLY B 140 13.61 -7.39 11.68
CA GLY B 140 14.79 -8.24 11.70
C GLY B 140 16.00 -7.37 11.98
N THR B 141 15.85 -6.07 11.79
CA THR B 141 16.96 -5.14 12.02
C THR B 141 17.09 -4.79 13.49
N ARG B 142 16.04 -5.06 14.26
CA ARG B 142 16.05 -4.75 15.69
C ARG B 142 15.59 -5.95 16.51
N PRO B 143 16.47 -6.96 16.65
CA PRO B 143 16.26 -8.22 17.38
C PRO B 143 15.62 -8.02 18.75
N GLU B 144 16.10 -7.01 19.48
CA GLU B 144 15.56 -6.72 20.80
C GLU B 144 14.06 -6.40 20.73
N ARG B 145 13.63 -5.80 19.63
CA ARG B 145 12.21 -5.45 19.46
C ARG B 145 11.39 -6.71 19.13
N ILE B 146 12.01 -7.68 18.48
CA ILE B 146 11.31 -8.92 18.16
C ILE B 146 10.94 -9.62 19.46
N GLY B 147 11.89 -9.67 20.40
CA GLY B 147 11.62 -10.32 21.69
C GLY B 147 10.59 -9.56 22.48
N TYR B 148 10.62 -8.24 22.36
CA TYR B 148 9.69 -7.36 23.05
C TYR B 148 8.28 -7.69 22.57
N ILE B 149 8.13 -7.78 21.25
CA ILE B 149 6.83 -8.08 20.66
C ILE B 149 6.39 -9.51 21.00
N ARG B 150 7.30 -10.48 20.85
CA ARG B 150 6.97 -11.89 21.13
C ARG B 150 6.42 -12.08 22.54
N ASP B 151 7.01 -11.43 23.52
CA ASP B 151 6.56 -11.57 24.90
C ASP B 151 5.14 -11.04 25.12
N ARG B 152 4.75 -10.02 24.36
CA ARG B 152 3.45 -9.41 24.53
C ARG B 152 2.41 -9.88 23.50
N LEU B 153 2.87 -10.62 22.51
CA LEU B 153 2.01 -11.11 21.44
C LEU B 153 1.37 -12.48 21.77
N LYS B 154 0.06 -12.61 21.54
CA LYS B 154 -0.64 -13.86 21.83
C LYS B 154 0.14 -15.05 21.26
N GLU B 155 0.30 -16.08 22.09
CA GLU B 155 1.05 -17.29 21.76
C GLU B 155 0.88 -17.87 20.34
N GLY B 156 -0.35 -18.01 19.89
CA GLY B 156 -0.60 -18.60 18.59
C GLY B 156 -0.20 -17.81 17.35
N ILE B 157 0.01 -16.51 17.51
CA ILE B 157 0.38 -15.63 16.39
C ILE B 157 1.87 -15.75 16.06
N LYS B 158 2.17 -15.98 14.78
CA LYS B 158 3.56 -16.10 14.32
C LYS B 158 4.20 -14.73 14.10
N ILE B 159 5.54 -14.71 14.09
CA ILE B 159 6.29 -13.50 13.84
C ILE B 159 7.16 -13.74 12.61
N LEU B 160 7.07 -12.84 11.63
CA LEU B 160 7.85 -12.93 10.41
C LEU B 160 8.73 -11.68 10.45
N ALA B 161 10.03 -11.88 10.26
CA ALA B 161 10.97 -10.79 10.35
C ALA B 161 11.78 -10.49 9.09
N PRO B 162 11.45 -9.35 8.43
CA PRO B 162 12.19 -8.96 7.22
C PRO B 162 13.34 -8.09 7.73
N GLY B 163 14.26 -7.70 6.85
CA GLY B 163 15.35 -6.85 7.28
C GLY B 163 16.62 -7.66 7.55
N ILE B 164 16.61 -8.90 7.04
CA ILE B 164 17.72 -9.82 7.20
C ILE B 164 18.61 -9.77 5.97
N GLY B 165 19.90 -9.53 6.18
CA GLY B 165 20.83 -9.48 5.05
C GLY B 165 21.11 -8.08 4.56
N ALA B 166 20.47 -7.70 3.44
CA ALA B 166 20.67 -6.39 2.84
C ALA B 166 20.52 -5.23 3.83
N GLN B 167 19.48 -5.27 4.66
CA GLN B 167 19.24 -4.21 5.64
C GLN B 167 20.13 -4.30 6.88
N GLY B 168 20.92 -5.37 7.01
CA GLY B 168 21.82 -5.49 8.14
C GLY B 168 21.43 -6.44 9.27
N GLY B 169 20.18 -6.90 9.28
CA GLY B 169 19.77 -7.82 10.33
C GLY B 169 20.43 -9.17 10.22
N LYS B 170 20.72 -9.80 11.35
CA LYS B 170 21.33 -11.14 11.36
C LYS B 170 20.25 -12.19 11.60
N ALA B 171 20.20 -13.19 10.73
CA ALA B 171 19.18 -14.24 10.82
C ALA B 171 19.16 -14.96 12.16
N LYS B 172 20.33 -15.36 12.66
CA LYS B 172 20.39 -16.07 13.94
C LYS B 172 19.78 -15.29 15.08
N ASP B 173 20.08 -14.01 15.16
CA ASP B 173 19.57 -13.16 16.23
C ASP B 173 18.05 -13.00 16.18
N ALA B 174 17.50 -12.88 14.97
CA ALA B 174 16.06 -12.72 14.80
C ALA B 174 15.34 -13.99 15.26
N VAL B 175 15.84 -15.14 14.84
CA VAL B 175 15.25 -16.43 15.22
C VAL B 175 15.36 -16.62 16.73
N LYS B 176 16.54 -16.34 17.26
CA LYS B 176 16.79 -16.47 18.70
C LYS B 176 15.84 -15.56 19.47
N ALA B 177 15.57 -14.38 18.91
CA ALA B 177 14.68 -13.40 19.54
C ALA B 177 13.22 -13.82 19.50
N GLY B 178 12.89 -14.79 18.65
CA GLY B 178 11.51 -15.25 18.59
C GLY B 178 10.83 -15.23 17.24
N ALA B 179 11.57 -14.96 16.16
CA ALA B 179 10.95 -14.95 14.83
C ALA B 179 10.69 -16.39 14.39
N ASP B 180 9.48 -16.65 13.91
CA ASP B 180 9.12 -17.97 13.41
C ASP B 180 9.61 -18.06 11.96
N TYR B 181 9.59 -16.92 11.28
CA TYR B 181 10.03 -16.87 9.89
C TYR B 181 10.95 -15.68 9.66
N ILE B 182 11.97 -15.85 8.82
CA ILE B 182 12.76 -14.68 8.50
C ILE B 182 12.63 -14.49 6.98
N ILE B 183 12.28 -13.28 6.59
CA ILE B 183 12.08 -12.90 5.20
C ILE B 183 13.41 -12.47 4.63
N VAL B 184 13.76 -12.99 3.47
CA VAL B 184 15.02 -12.62 2.85
C VAL B 184 14.80 -12.35 1.40
N GLY B 185 15.22 -11.17 0.94
CA GLY B 185 15.09 -10.84 -0.45
C GLY B 185 16.42 -10.76 -1.17
N ARG B 186 16.98 -9.55 -1.18
CA ARG B 186 18.22 -9.27 -1.88
C ARG B 186 19.39 -10.20 -1.59
N ALA B 187 19.57 -10.56 -0.33
CA ALA B 187 20.68 -11.44 0.03
C ALA B 187 20.62 -12.70 -0.81
N ILE B 188 19.43 -13.06 -1.29
CA ILE B 188 19.26 -14.24 -2.12
C ILE B 188 19.13 -13.91 -3.61
N TYR B 189 18.18 -13.04 -3.97
CA TYR B 189 18.00 -12.75 -5.39
C TYR B 189 19.07 -11.85 -6.02
N ASN B 190 19.87 -11.19 -5.21
CA ASN B 190 20.96 -10.35 -5.74
C ASN B 190 22.25 -11.17 -5.76
N ALA B 191 22.21 -12.38 -5.22
CA ALA B 191 23.41 -13.22 -5.15
C ALA B 191 23.78 -13.92 -6.47
N PRO B 192 25.09 -14.02 -6.75
CA PRO B 192 25.56 -14.67 -7.97
C PRO B 192 24.98 -16.08 -8.04
N ASN B 193 24.88 -16.71 -6.89
CA ASN B 193 24.33 -18.07 -6.77
C ASN B 193 23.23 -18.05 -5.71
N PRO B 194 21.99 -17.80 -6.12
CA PRO B 194 20.87 -17.75 -5.18
C PRO B 194 20.76 -18.98 -4.26
N ARG B 195 20.93 -20.17 -4.81
CA ARG B 195 20.82 -21.38 -4.00
C ARG B 195 21.86 -21.46 -2.88
N GLU B 196 23.10 -21.10 -3.21
CA GLU B 196 24.19 -21.12 -2.25
C GLU B 196 23.92 -20.10 -1.14
N ALA B 197 23.45 -18.92 -1.53
CA ALA B 197 23.12 -17.86 -0.57
C ALA B 197 22.00 -18.30 0.38
N ALA B 198 20.97 -18.94 -0.18
CA ALA B 198 19.85 -19.40 0.65
C ALA B 198 20.33 -20.50 1.61
N LYS B 199 21.11 -21.44 1.10
CA LYS B 199 21.61 -22.52 1.93
C LYS B 199 22.45 -21.98 3.10
N ALA B 200 23.25 -20.95 2.85
CA ALA B 200 24.08 -20.36 3.88
C ALA B 200 23.24 -19.79 5.03
N ILE B 201 22.14 -19.15 4.68
CA ILE B 201 21.25 -18.56 5.69
C ILE B 201 20.48 -19.68 6.37
N TYR B 202 20.10 -20.69 5.61
CA TYR B 202 19.39 -21.85 6.14
C TYR B 202 20.23 -22.52 7.22
N ASP B 203 21.51 -22.74 6.95
CA ASP B 203 22.39 -23.37 7.93
C ASP B 203 22.61 -22.47 9.12
N GLU B 204 22.53 -21.17 8.90
CA GLU B 204 22.71 -20.20 9.97
C GLU B 204 21.59 -20.33 11.01
N ILE B 205 20.37 -20.53 10.55
CA ILE B 205 19.25 -20.62 11.47
C ILE B 205 19.00 -22.00 12.05
N ARG B 206 19.64 -23.02 11.49
CA ARG B 206 19.50 -24.40 11.99
C ARG B 206 19.97 -24.47 13.44
N GLY B 207 19.11 -24.98 14.32
CA GLY B 207 19.46 -25.12 15.72
C GLY B 207 19.42 -23.85 16.54
N VAL B 208 18.24 -23.22 16.62
CA VAL B 208 18.09 -21.97 17.37
C VAL B 208 18.06 -22.16 18.90
#